data_1QHJ
#
_entry.id   1QHJ
#
_cell.length_a   60.800
_cell.length_b   60.800
_cell.length_c   110.520
_cell.angle_alpha   90.00
_cell.angle_beta   90.00
_cell.angle_gamma   120.00
#
_symmetry.space_group_name_H-M   'P 63'
#
loop_
_entity.id
_entity.type
_entity.pdbx_description
1 polymer 'PROTEIN (BACTERIORHODOPSIN)'
2 non-polymer RETINAL
3 non-polymer 1,2-[DI-2,6,10,14-TETRAMETHYL-HEXADECAN-16-OXY]-PROPANE
4 water water
#
_entity_poly.entity_id   1
_entity_poly.type   'polypeptide(L)'
_entity_poly.pdbx_seq_one_letter_code
;QAQITGRPEWIWLALGTALMGLGTLYFLVKGMGVSDPDAKKFYAITTLVPAIAFTMYLSMLLGYGLTMVPFGGEQNPIYW
ARYADWLFTTPLLLLDLALLVDADQGTILALVGADGIMIGTGLVGALTKVYSYRFVWWAISTAAMLYILYVLFFGFTSKA
ESMRPEVASTFKVLRNVTVVLWSAYPVVWLIGSEGAGIVPLNIETLLFMVLDVSAKVGFGLILLRSRAIFGEAEAPEPSA
GDGAAATS
;
_entity_poly.pdbx_strand_id   A
#
# COMPACT_ATOMS: atom_id res chain seq x y z
N THR A 5 -6.69 21.73 6.95
CA THR A 5 -6.93 21.61 5.49
C THR A 5 -5.62 21.46 4.72
N GLY A 6 -5.67 21.69 3.41
CA GLY A 6 -4.49 21.54 2.57
C GLY A 6 -3.47 22.66 2.57
N ARG A 7 -2.58 22.68 3.56
CA ARG A 7 -1.52 23.67 3.64
C ARG A 7 -0.31 23.22 4.45
N PRO A 8 -0.43 23.11 5.78
CA PRO A 8 0.72 22.68 6.57
C PRO A 8 1.36 21.38 6.06
N GLU A 9 0.52 20.43 5.69
CA GLU A 9 0.98 19.13 5.22
C GLU A 9 1.60 19.13 3.81
N TRP A 10 1.68 20.30 3.18
CA TRP A 10 2.23 20.36 1.84
C TRP A 10 3.64 19.79 1.74
N ILE A 11 4.47 20.02 2.75
CA ILE A 11 5.83 19.52 2.70
C ILE A 11 5.93 18.00 2.64
N TRP A 12 5.06 17.30 3.35
CA TRP A 12 5.06 15.83 3.35
C TRP A 12 4.55 15.30 2.01
N LEU A 13 3.62 16.02 1.41
CA LEU A 13 3.06 15.65 0.12
C LEU A 13 4.10 15.87 -0.98
N ALA A 14 4.88 16.94 -0.84
CA ALA A 14 5.93 17.25 -1.81
C ALA A 14 7.05 16.22 -1.67
N LEU A 15 7.43 15.90 -0.44
CA LEU A 15 8.46 14.91 -0.20
C LEU A 15 8.01 13.54 -0.70
N GLY A 16 6.74 13.22 -0.47
CA GLY A 16 6.20 11.95 -0.92
C GLY A 16 6.27 11.88 -2.43
N THR A 17 5.84 12.96 -3.08
CA THR A 17 5.85 13.02 -4.54
C THR A 17 7.27 12.79 -5.04
N ALA A 18 8.23 13.53 -4.48
CA ALA A 18 9.63 13.40 -4.90
C ALA A 18 10.20 12.01 -4.67
N LEU A 19 9.95 11.44 -3.50
CA LEU A 19 10.47 10.11 -3.20
C LEU A 19 9.85 9.02 -4.08
N MET A 20 8.56 9.11 -4.37
CA MET A 20 7.91 8.12 -5.23
C MET A 20 8.44 8.25 -6.66
N GLY A 21 8.63 9.49 -7.11
CA GLY A 21 9.13 9.72 -8.46
C GLY A 21 10.54 9.20 -8.62
N LEU A 22 11.38 9.46 -7.62
CA LEU A 22 12.78 9.01 -7.65
C LEU A 22 12.82 7.48 -7.62
N GLY A 23 11.96 6.89 -6.79
CA GLY A 23 11.93 5.44 -6.69
C GLY A 23 11.53 4.82 -8.02
N THR A 24 10.52 5.40 -8.66
CA THR A 24 10.05 4.91 -9.95
C THR A 24 11.18 4.95 -10.97
N LEU A 25 11.89 6.08 -11.03
CA LEU A 25 12.98 6.22 -11.98
C LEU A 25 14.10 5.22 -11.69
N TYR A 26 14.43 5.05 -10.42
CA TYR A 26 15.48 4.11 -10.07
C TYR A 26 15.11 2.70 -10.53
N PHE A 27 13.88 2.27 -10.24
CA PHE A 27 13.45 0.93 -10.64
C PHE A 27 13.41 0.79 -12.16
N LEU A 28 12.98 1.86 -12.84
CA LEU A 28 12.91 1.87 -14.29
C LEU A 28 14.29 1.63 -14.91
N VAL A 29 15.26 2.42 -14.49
CA VAL A 29 16.62 2.30 -15.00
C VAL A 29 17.22 0.95 -14.60
N LYS A 30 17.05 0.57 -13.33
CA LYS A 30 17.59 -0.69 -12.85
C LYS A 30 17.05 -1.87 -13.66
N GLY A 31 15.79 -1.78 -14.06
CA GLY A 31 15.18 -2.86 -14.83
C GLY A 31 15.66 -2.99 -16.26
N MET A 32 16.36 -1.96 -16.75
CA MET A 32 16.86 -1.99 -18.12
C MET A 32 17.85 -3.13 -18.30
N GLY A 33 18.62 -3.41 -17.26
CA GLY A 33 19.60 -4.48 -17.35
C GLY A 33 19.01 -5.85 -17.05
N VAL A 34 17.75 -6.06 -17.43
CA VAL A 34 17.08 -7.34 -17.19
C VAL A 34 16.33 -7.85 -18.41
N SER A 35 16.50 -9.13 -18.71
CA SER A 35 15.84 -9.75 -19.86
C SER A 35 15.11 -11.04 -19.45
N ASP A 36 15.44 -11.54 -18.27
CA ASP A 36 14.81 -12.76 -17.76
C ASP A 36 13.30 -12.56 -17.59
N PRO A 37 12.50 -13.45 -18.20
CA PRO A 37 11.03 -13.41 -18.14
C PRO A 37 10.46 -13.16 -16.75
N ASP A 38 10.70 -14.08 -15.83
CA ASP A 38 10.20 -13.94 -14.47
C ASP A 38 10.72 -12.68 -13.79
N ALA A 39 11.99 -12.37 -14.01
CA ALA A 39 12.58 -11.17 -13.45
C ALA A 39 11.82 -9.96 -13.98
N LYS A 40 11.45 -10.03 -15.26
CA LYS A 40 10.69 -8.96 -15.92
C LYS A 40 9.42 -8.64 -15.16
N LYS A 41 8.63 -9.67 -14.87
CA LYS A 41 7.37 -9.49 -14.16
C LYS A 41 7.53 -8.73 -12.85
N PHE A 42 8.51 -9.11 -12.05
CA PHE A 42 8.74 -8.43 -10.77
C PHE A 42 9.07 -6.95 -10.95
N TYR A 43 9.89 -6.65 -11.97
CA TYR A 43 10.25 -5.26 -12.24
C TYR A 43 9.02 -4.46 -12.71
N ALA A 44 8.23 -5.08 -13.58
CA ALA A 44 7.03 -4.42 -14.10
C ALA A 44 6.07 -4.08 -12.95
N ILE A 45 5.80 -5.07 -12.12
CA ILE A 45 4.89 -4.89 -10.98
C ILE A 45 5.43 -3.86 -10.00
N THR A 46 6.67 -4.06 -9.58
CA THR A 46 7.31 -3.20 -8.60
C THR A 46 7.55 -1.75 -9.03
N THR A 47 7.75 -1.52 -10.32
CA THR A 47 7.97 -0.16 -10.81
C THR A 47 6.64 0.59 -10.95
N LEU A 48 5.57 -0.15 -11.25
CA LEU A 48 4.24 0.46 -11.40
C LEU A 48 3.71 1.00 -10.08
N VAL A 49 4.06 0.33 -8.98
CA VAL A 49 3.59 0.74 -7.67
C VAL A 49 3.96 2.18 -7.30
N PRO A 50 5.25 2.54 -7.32
CA PRO A 50 5.59 3.92 -6.98
C PRO A 50 5.21 4.90 -8.08
N ALA A 51 5.07 4.42 -9.31
CA ALA A 51 4.67 5.28 -10.42
C ALA A 51 3.25 5.79 -10.15
N ILE A 52 2.38 4.88 -9.75
CA ILE A 52 1.00 5.22 -9.44
C ILE A 52 0.97 6.15 -8.22
N ALA A 53 1.69 5.75 -7.18
CA ALA A 53 1.75 6.55 -5.95
C ALA A 53 2.22 7.98 -6.27
N PHE A 54 3.20 8.09 -7.17
CA PHE A 54 3.73 9.38 -7.58
C PHE A 54 2.60 10.27 -8.12
N THR A 55 1.77 9.73 -9.01
CA THR A 55 0.69 10.53 -9.58
C THR A 55 -0.33 10.98 -8.53
N MET A 56 -0.65 10.10 -7.60
CA MET A 56 -1.63 10.42 -6.57
C MET A 56 -1.08 11.38 -5.53
N TYR A 57 0.20 11.24 -5.19
CA TYR A 57 0.81 12.17 -4.24
C TYR A 57 0.82 13.55 -4.88
N LEU A 58 1.11 13.60 -6.17
CA LEU A 58 1.14 14.88 -6.86
C LEU A 58 -0.27 15.47 -6.91
N SER A 59 -1.28 14.62 -7.10
CA SER A 59 -2.66 15.10 -7.14
C SER A 59 -3.02 15.72 -5.80
N MET A 60 -2.55 15.13 -4.70
CA MET A 60 -2.84 15.67 -3.38
C MET A 60 -2.08 16.99 -3.17
N LEU A 61 -0.82 17.01 -3.58
CA LEU A 61 0.02 18.20 -3.44
C LEU A 61 -0.61 19.40 -4.15
N LEU A 62 -1.17 19.15 -5.34
CA LEU A 62 -1.79 20.20 -6.14
C LEU A 62 -3.22 20.51 -5.71
N GLY A 63 -3.75 19.73 -4.78
CA GLY A 63 -5.10 19.97 -4.29
C GLY A 63 -6.22 19.22 -4.97
N TYR A 64 -5.92 18.51 -6.05
CA TYR A 64 -6.97 17.78 -6.77
C TYR A 64 -7.51 16.57 -5.98
N GLY A 65 -6.62 15.84 -5.31
CA GLY A 65 -7.06 14.67 -4.57
C GLY A 65 -7.59 14.95 -3.18
N LEU A 66 -7.99 16.20 -2.93
CA LEU A 66 -8.52 16.60 -1.62
C LEU A 66 -9.98 17.00 -1.74
N THR A 67 -10.78 16.65 -0.74
CA THR A 67 -12.19 17.00 -0.73
C THR A 67 -12.65 17.27 0.70
N MET A 68 -13.79 17.95 0.84
CA MET A 68 -14.32 18.25 2.17
C MET A 68 -15.51 17.33 2.48
N VAL A 69 -15.45 16.67 3.63
CA VAL A 69 -16.51 15.76 4.04
C VAL A 69 -17.16 16.24 5.34
N PRO A 70 -18.48 16.42 5.32
CA PRO A 70 -19.20 16.87 6.52
C PRO A 70 -19.49 15.72 7.47
N PHE A 71 -19.13 15.91 8.74
CA PHE A 71 -19.36 14.92 9.77
C PHE A 71 -18.89 15.47 11.10
N GLY A 72 -19.54 15.06 12.18
CA GLY A 72 -19.16 15.57 13.49
C GLY A 72 -19.56 17.03 13.50
N GLY A 73 -20.49 17.38 12.63
CA GLY A 73 -20.96 18.74 12.52
C GLY A 73 -19.89 19.69 12.01
N GLU A 74 -18.88 19.13 11.36
CA GLU A 74 -17.78 19.93 10.82
C GLU A 74 -17.47 19.59 9.37
N GLN A 75 -16.70 20.48 8.73
CA GLN A 75 -16.28 20.28 7.35
C GLN A 75 -14.85 19.76 7.47
N ASN A 76 -14.67 18.47 7.23
CA ASN A 76 -13.35 17.86 7.37
C ASN A 76 -12.62 17.57 6.06
N PRO A 77 -11.37 18.03 5.95
CA PRO A 77 -10.56 17.81 4.75
C PRO A 77 -10.19 16.33 4.66
N ILE A 78 -10.52 15.71 3.53
CA ILE A 78 -10.24 14.29 3.32
C ILE A 78 -9.53 14.07 1.98
N TYR A 79 -8.32 13.52 2.03
CA TYR A 79 -7.57 13.25 0.82
C TYR A 79 -8.05 11.90 0.27
N TRP A 80 -8.96 11.96 -0.69
CA TRP A 80 -9.50 10.75 -1.27
C TRP A 80 -8.55 10.08 -2.27
N ALA A 81 -7.60 10.84 -2.79
CA ALA A 81 -6.67 10.29 -3.77
C ALA A 81 -5.89 9.09 -3.24
N ARG A 82 -5.71 9.02 -1.93
CA ARG A 82 -4.99 7.89 -1.32
C ARG A 82 -5.62 6.57 -1.71
N TYR A 83 -6.95 6.51 -1.65
CA TYR A 83 -7.66 5.29 -1.96
C TYR A 83 -7.54 4.88 -3.42
N ALA A 84 -7.49 5.87 -4.31
CA ALA A 84 -7.33 5.59 -5.73
C ALA A 84 -5.95 4.95 -5.92
N ASP A 85 -4.98 5.46 -5.18
CA ASP A 85 -3.61 4.94 -5.19
C ASP A 85 -3.64 3.49 -4.70
N TRP A 86 -4.03 3.32 -3.43
CA TRP A 86 -4.08 2.01 -2.79
C TRP A 86 -4.91 0.97 -3.52
N LEU A 87 -5.99 1.40 -4.15
CA LEU A 87 -6.85 0.48 -4.89
C LEU A 87 -6.03 -0.35 -5.88
N PHE A 88 -5.06 0.30 -6.52
CA PHE A 88 -4.21 -0.37 -7.50
C PHE A 88 -2.87 -0.83 -6.96
N THR A 89 -2.25 -0.07 -6.07
CA THR A 89 -0.93 -0.45 -5.56
C THR A 89 -0.91 -1.57 -4.53
N THR A 90 -1.93 -1.68 -3.68
CA THR A 90 -1.87 -2.74 -2.69
C THR A 90 -2.01 -4.12 -3.32
N PRO A 91 -2.89 -4.29 -4.31
CA PRO A 91 -2.99 -5.63 -4.90
C PRO A 91 -1.73 -5.97 -5.72
N LEU A 92 -1.09 -4.94 -6.27
CA LEU A 92 0.14 -5.13 -7.03
C LEU A 92 1.23 -5.63 -6.09
N LEU A 93 1.26 -5.08 -4.88
CA LEU A 93 2.25 -5.49 -3.89
C LEU A 93 1.98 -6.94 -3.50
N LEU A 94 0.70 -7.28 -3.37
CA LEU A 94 0.29 -8.64 -3.02
C LEU A 94 0.67 -9.60 -4.16
N LEU A 95 0.59 -9.11 -5.40
CA LEU A 95 0.93 -9.92 -6.57
C LEU A 95 2.43 -10.25 -6.55
N ASP A 96 3.24 -9.28 -6.11
CA ASP A 96 4.69 -9.49 -6.02
C ASP A 96 4.92 -10.66 -5.08
N LEU A 97 4.29 -10.62 -3.91
CA LEU A 97 4.42 -11.68 -2.92
C LEU A 97 3.91 -13.02 -3.45
N ALA A 98 2.74 -13.00 -4.08
CA ALA A 98 2.14 -14.21 -4.63
C ALA A 98 3.00 -14.85 -5.72
N LEU A 99 3.54 -14.03 -6.61
CA LEU A 99 4.39 -14.52 -7.69
C LEU A 99 5.65 -15.14 -7.11
N LEU A 100 6.17 -14.52 -6.07
CA LEU A 100 7.38 -14.98 -5.40
C LEU A 100 7.22 -16.42 -4.91
N VAL A 101 6.09 -16.71 -4.26
CA VAL A 101 5.85 -18.05 -3.73
C VAL A 101 5.09 -18.95 -4.70
N ASP A 102 4.88 -18.46 -5.93
CA ASP A 102 4.17 -19.23 -6.94
C ASP A 102 2.79 -19.68 -6.45
N ALA A 103 2.05 -18.75 -5.86
CA ALA A 103 0.72 -19.06 -5.35
C ALA A 103 -0.20 -19.45 -6.50
N ASP A 104 -1.22 -20.25 -6.18
CA ASP A 104 -2.18 -20.67 -7.19
C ASP A 104 -3.18 -19.56 -7.43
N GLN A 105 -3.82 -19.59 -8.59
CA GLN A 105 -4.80 -18.58 -8.96
C GLN A 105 -5.86 -18.33 -7.90
N GLY A 106 -6.37 -19.40 -7.29
CA GLY A 106 -7.38 -19.27 -6.26
C GLY A 106 -6.99 -18.34 -5.13
N THR A 107 -5.79 -18.50 -4.61
CA THR A 107 -5.31 -17.68 -3.50
C THR A 107 -5.08 -16.23 -3.95
N ILE A 108 -4.60 -16.06 -5.18
CA ILE A 108 -4.36 -14.72 -5.70
C ILE A 108 -5.68 -13.95 -5.77
N LEU A 109 -6.71 -14.60 -6.29
CA LEU A 109 -8.02 -13.97 -6.40
C LEU A 109 -8.55 -13.64 -5.01
N ALA A 110 -8.37 -14.54 -4.06
CA ALA A 110 -8.83 -14.30 -2.70
C ALA A 110 -8.13 -13.05 -2.11
N LEU A 111 -6.83 -12.96 -2.31
CA LEU A 111 -6.06 -11.82 -1.81
C LEU A 111 -6.46 -10.51 -2.48
N VAL A 112 -6.55 -10.53 -3.81
CA VAL A 112 -6.93 -9.34 -4.56
C VAL A 112 -8.34 -8.89 -4.21
N GLY A 113 -9.23 -9.86 -4.03
CA GLY A 113 -10.60 -9.57 -3.68
C GLY A 113 -10.72 -8.97 -2.29
N ALA A 114 -10.03 -9.56 -1.33
CA ALA A 114 -10.06 -9.07 0.04
C ALA A 114 -9.45 -7.66 0.09
N ASP A 115 -8.42 -7.45 -0.73
CA ASP A 115 -7.73 -6.17 -0.79
C ASP A 115 -8.70 -5.12 -1.34
N GLY A 116 -9.42 -5.48 -2.39
CA GLY A 116 -10.38 -4.56 -2.98
C GLY A 116 -11.43 -4.16 -1.96
N ILE A 117 -11.85 -5.11 -1.15
CA ILE A 117 -12.84 -4.81 -0.13
C ILE A 117 -12.22 -3.89 0.94
N MET A 118 -10.98 -4.18 1.32
CA MET A 118 -10.29 -3.38 2.31
C MET A 118 -10.21 -1.91 1.90
N ILE A 119 -9.78 -1.65 0.67
CA ILE A 119 -9.65 -0.28 0.20
C ILE A 119 -11.02 0.36 -0.08
N GLY A 120 -11.93 -0.40 -0.68
CA GLY A 120 -13.25 0.11 -0.97
C GLY A 120 -14.01 0.55 0.27
N THR A 121 -14.00 -0.30 1.30
CA THR A 121 -14.68 0.03 2.55
C THR A 121 -13.95 1.15 3.27
N GLY A 122 -12.64 1.25 3.08
CA GLY A 122 -11.89 2.32 3.72
C GLY A 122 -12.33 3.65 3.10
N LEU A 123 -12.52 3.64 1.79
CA LEU A 123 -12.96 4.83 1.08
C LEU A 123 -14.37 5.23 1.50
N VAL A 124 -15.26 4.26 1.61
CA VAL A 124 -16.63 4.53 2.03
C VAL A 124 -16.59 5.15 3.42
N GLY A 125 -15.76 4.58 4.29
CA GLY A 125 -15.64 5.12 5.64
C GLY A 125 -15.09 6.54 5.63
N ALA A 126 -14.11 6.79 4.78
CA ALA A 126 -13.49 8.11 4.69
C ALA A 126 -14.45 9.19 4.20
N LEU A 127 -15.46 8.80 3.44
CA LEU A 127 -16.42 9.76 2.89
C LEU A 127 -17.80 9.72 3.55
N THR A 128 -17.94 8.93 4.61
CA THR A 128 -19.22 8.81 5.31
C THR A 128 -19.53 10.05 6.14
N LYS A 129 -20.77 10.55 6.03
CA LYS A 129 -21.17 11.76 6.74
C LYS A 129 -21.64 11.57 8.18
N VAL A 130 -21.89 10.32 8.57
CA VAL A 130 -22.32 10.01 9.93
C VAL A 130 -21.11 9.48 10.70
N TYR A 131 -20.60 10.29 11.62
CA TYR A 131 -19.41 9.95 12.42
C TYR A 131 -19.30 8.51 12.90
N SER A 132 -20.27 8.04 13.68
CA SER A 132 -20.23 6.67 14.20
C SER A 132 -20.12 5.62 13.11
N TYR A 133 -20.76 5.85 11.97
CA TYR A 133 -20.72 4.88 10.87
C TYR A 133 -19.32 4.72 10.27
N ARG A 134 -18.54 5.80 10.30
CA ARG A 134 -17.18 5.76 9.75
C ARG A 134 -16.38 4.61 10.35
N PHE A 135 -16.59 4.36 11.63
CA PHE A 135 -15.87 3.30 12.33
C PHE A 135 -16.39 1.90 12.02
N VAL A 136 -17.62 1.81 11.54
CA VAL A 136 -18.18 0.51 11.16
C VAL A 136 -17.41 0.07 9.91
N TRP A 137 -17.23 1.00 8.98
CA TRP A 137 -16.50 0.72 7.75
C TRP A 137 -15.03 0.41 8.07
N TRP A 138 -14.50 1.12 9.06
CA TRP A 138 -13.11 0.90 9.49
C TRP A 138 -12.95 -0.54 9.97
N ALA A 139 -13.92 -1.01 10.75
CA ALA A 139 -13.88 -2.37 11.28
C ALA A 139 -13.94 -3.42 10.17
N ILE A 140 -14.84 -3.23 9.20
CA ILE A 140 -14.98 -4.15 8.08
C ILE A 140 -13.69 -4.17 7.25
N SER A 141 -13.13 -3.00 7.00
CA SER A 141 -11.88 -2.88 6.24
C SER A 141 -10.75 -3.59 7.00
N THR A 142 -10.70 -3.39 8.31
CA THR A 142 -9.67 -4.02 9.12
C THR A 142 -9.81 -5.54 9.09
N ALA A 143 -11.05 -6.03 9.09
CA ALA A 143 -11.29 -7.47 9.04
C ALA A 143 -10.73 -8.01 7.72
N ALA A 144 -10.90 -7.26 6.65
CA ALA A 144 -10.39 -7.65 5.35
C ALA A 144 -8.85 -7.68 5.39
N MET A 145 -8.27 -6.71 6.09
CA MET A 145 -6.82 -6.66 6.20
C MET A 145 -6.32 -7.88 6.97
N LEU A 146 -7.01 -8.23 8.04
CA LEU A 146 -6.61 -9.39 8.84
C LEU A 146 -6.68 -10.67 8.01
N TYR A 147 -7.66 -10.75 7.12
CA TYR A 147 -7.80 -11.91 6.25
C TYR A 147 -6.55 -12.02 5.39
N ILE A 148 -6.15 -10.89 4.80
CA ILE A 148 -4.97 -10.84 3.94
C ILE A 148 -3.73 -11.29 4.71
N LEU A 149 -3.54 -10.75 5.91
CA LEU A 149 -2.38 -11.11 6.73
C LEU A 149 -2.40 -12.60 7.08
N TYR A 150 -3.61 -13.13 7.30
CA TYR A 150 -3.78 -14.54 7.63
C TYR A 150 -3.27 -15.41 6.48
N VAL A 151 -3.77 -15.12 5.28
CA VAL A 151 -3.38 -15.87 4.09
C VAL A 151 -1.87 -15.81 3.86
N LEU A 152 -1.27 -14.65 4.13
CA LEU A 152 0.16 -14.49 3.96
C LEU A 152 0.98 -15.36 4.91
N PHE A 153 0.37 -15.81 6.00
CA PHE A 153 1.06 -16.64 6.98
C PHE A 153 0.66 -18.11 6.99
N PHE A 154 -0.60 -18.37 6.70
CA PHE A 154 -1.11 -19.74 6.72
C PHE A 154 -1.51 -20.28 5.35
N GLY A 155 -1.22 -19.52 4.31
CA GLY A 155 -1.56 -19.95 2.96
C GLY A 155 -0.45 -19.60 1.98
N PHE A 156 0.60 -18.96 2.50
CA PHE A 156 1.74 -18.54 1.69
C PHE A 156 3.06 -19.04 2.27
N THR A 157 3.39 -18.54 3.46
CA THR A 157 4.63 -18.92 4.13
C THR A 157 4.89 -20.43 4.07
N SER A 158 3.86 -21.20 4.36
CA SER A 158 3.97 -22.67 4.34
C SER A 158 4.44 -23.19 2.98
N LYS A 159 4.05 -22.51 1.90
CA LYS A 159 4.45 -22.94 0.57
C LYS A 159 5.83 -22.42 0.20
N ALA A 160 6.16 -21.22 0.66
CA ALA A 160 7.46 -20.61 0.37
C ALA A 160 8.57 -21.55 0.82
N GLU A 161 8.32 -22.28 1.90
CA GLU A 161 9.29 -23.22 2.43
C GLU A 161 9.45 -24.41 1.50
N SER A 162 8.39 -24.71 0.75
CA SER A 162 8.40 -25.82 -0.19
C SER A 162 9.07 -25.38 -1.50
N MET A 163 9.59 -24.16 -1.50
CA MET A 163 10.26 -23.61 -2.67
C MET A 163 11.76 -23.45 -2.40
N ARG A 164 12.46 -22.77 -3.31
CA ARG A 164 13.89 -22.55 -3.16
C ARG A 164 14.14 -21.73 -1.90
N PRO A 165 15.22 -22.05 -1.17
CA PRO A 165 15.55 -21.33 0.07
C PRO A 165 15.79 -19.82 -0.14
N GLU A 166 16.15 -19.44 -1.36
CA GLU A 166 16.39 -18.03 -1.65
C GLU A 166 15.04 -17.30 -1.72
N VAL A 167 14.05 -18.00 -2.28
CA VAL A 167 12.71 -17.44 -2.40
C VAL A 167 12.06 -17.37 -1.03
N ALA A 168 12.23 -18.43 -0.24
CA ALA A 168 11.65 -18.50 1.09
C ALA A 168 12.13 -17.37 1.98
N SER A 169 13.44 -17.11 1.99
CA SER A 169 14.00 -16.06 2.83
C SER A 169 13.61 -14.65 2.40
N THR A 170 13.52 -14.42 1.08
CA THR A 170 13.14 -13.11 0.57
C THR A 170 11.65 -12.88 0.84
N PHE A 171 10.86 -13.94 0.70
CA PHE A 171 9.44 -13.84 0.95
C PHE A 171 9.20 -13.55 2.43
N LYS A 172 9.92 -14.26 3.28
CA LYS A 172 9.79 -14.08 4.72
C LYS A 172 10.06 -12.64 5.14
N VAL A 173 11.10 -12.04 4.57
CA VAL A 173 11.42 -10.66 4.91
C VAL A 173 10.37 -9.68 4.39
N LEU A 174 9.98 -9.84 3.13
CA LEU A 174 8.97 -8.96 2.54
C LEU A 174 7.63 -9.17 3.24
N ARG A 175 7.36 -10.41 3.64
CA ARG A 175 6.13 -10.74 4.33
C ARG A 175 6.08 -10.00 5.66
N ASN A 176 7.19 -10.06 6.40
CA ASN A 176 7.29 -9.40 7.70
C ASN A 176 7.19 -7.88 7.53
N VAL A 177 7.83 -7.37 6.49
CA VAL A 177 7.79 -5.93 6.21
C VAL A 177 6.35 -5.52 5.92
N THR A 178 5.66 -6.32 5.13
CA THR A 178 4.27 -6.03 4.77
C THR A 178 3.37 -6.03 5.99
N VAL A 179 3.43 -7.09 6.79
CA VAL A 179 2.60 -7.19 7.97
C VAL A 179 2.78 -6.01 8.93
N VAL A 180 4.03 -5.63 9.20
CA VAL A 180 4.31 -4.53 10.10
C VAL A 180 3.81 -3.18 9.57
N LEU A 181 4.15 -2.88 8.32
CA LEU A 181 3.75 -1.60 7.72
C LEU A 181 2.24 -1.47 7.48
N TRP A 182 1.65 -2.50 6.88
CA TRP A 182 0.21 -2.47 6.58
C TRP A 182 -0.65 -2.33 7.83
N SER A 183 -0.25 -3.02 8.90
CA SER A 183 -1.01 -2.97 10.15
C SER A 183 -1.05 -1.58 10.77
N ALA A 184 -0.08 -0.75 10.40
CA ALA A 184 -0.02 0.61 10.93
C ALA A 184 -1.06 1.53 10.28
N TYR A 185 -1.43 1.22 9.05
CA TYR A 185 -2.40 2.07 8.35
C TYR A 185 -3.73 2.27 9.07
N PRO A 186 -4.38 1.17 9.52
CA PRO A 186 -5.65 1.35 10.23
C PRO A 186 -5.49 2.16 11.51
N VAL A 187 -4.33 2.08 12.14
CA VAL A 187 -4.11 2.82 13.37
C VAL A 187 -4.03 4.31 13.05
N VAL A 188 -3.28 4.66 12.01
CA VAL A 188 -3.14 6.07 11.63
C VAL A 188 -4.49 6.65 11.24
N TRP A 189 -5.28 5.86 10.52
CA TRP A 189 -6.62 6.27 10.07
C TRP A 189 -7.51 6.51 11.28
N LEU A 190 -7.47 5.59 12.23
CA LEU A 190 -8.29 5.67 13.43
C LEU A 190 -7.98 6.89 14.29
N ILE A 191 -6.70 7.23 14.40
CA ILE A 191 -6.30 8.38 15.22
C ILE A 191 -6.22 9.70 14.47
N GLY A 192 -6.20 9.64 13.14
CA GLY A 192 -6.10 10.85 12.34
C GLY A 192 -7.41 11.54 11.97
N SER A 193 -7.33 12.42 10.99
CA SER A 193 -8.48 13.21 10.53
C SER A 193 -9.68 12.42 10.01
N GLU A 194 -9.43 11.21 9.50
CA GLU A 194 -10.52 10.38 9.00
C GLU A 194 -11.25 9.68 10.14
N GLY A 195 -10.57 9.53 11.28
CA GLY A 195 -11.16 8.86 12.41
C GLY A 195 -11.56 9.76 13.56
N ALA A 196 -11.01 9.49 14.74
CA ALA A 196 -11.33 10.25 15.95
C ALA A 196 -10.66 11.62 16.01
N GLY A 197 -9.77 11.89 15.06
CA GLY A 197 -9.09 13.18 15.03
C GLY A 197 -8.24 13.55 16.22
N ILE A 198 -7.51 12.60 16.78
CA ILE A 198 -6.63 12.86 17.92
C ILE A 198 -5.32 13.45 17.41
N VAL A 199 -4.98 13.08 16.18
CA VAL A 199 -3.76 13.54 15.51
C VAL A 199 -4.20 14.45 14.36
N PRO A 200 -3.55 15.62 14.22
CA PRO A 200 -3.91 16.55 13.13
C PRO A 200 -3.53 16.05 11.74
N LEU A 201 -4.24 16.53 10.73
CA LEU A 201 -4.00 16.14 9.34
C LEU A 201 -2.52 16.25 8.94
N ASN A 202 -1.86 17.29 9.46
CA ASN A 202 -0.45 17.52 9.17
C ASN A 202 0.38 16.31 9.57
N ILE A 203 0.18 15.83 10.79
CA ILE A 203 0.91 14.68 11.29
C ILE A 203 0.41 13.40 10.62
N GLU A 204 -0.89 13.32 10.38
CA GLU A 204 -1.44 12.15 9.72
C GLU A 204 -0.78 11.98 8.34
N THR A 205 -0.65 13.08 7.61
CA THR A 205 -0.05 13.04 6.28
C THR A 205 1.41 12.57 6.37
N LEU A 206 2.13 13.09 7.36
CA LEU A 206 3.52 12.69 7.55
C LEU A 206 3.62 11.17 7.76
N LEU A 207 2.79 10.64 8.64
CA LEU A 207 2.77 9.21 8.94
C LEU A 207 2.51 8.35 7.71
N PHE A 208 1.48 8.70 6.94
CA PHE A 208 1.17 7.94 5.74
C PHE A 208 2.31 8.02 4.73
N MET A 209 2.98 9.16 4.68
CA MET A 209 4.08 9.32 3.74
C MET A 209 5.22 8.37 4.09
N VAL A 210 5.57 8.31 5.37
CA VAL A 210 6.64 7.42 5.81
C VAL A 210 6.24 5.97 5.51
N LEU A 211 5.00 5.61 5.85
CA LEU A 211 4.53 4.26 5.60
C LEU A 211 4.52 3.93 4.11
N ASP A 212 3.95 4.82 3.29
CA ASP A 212 3.88 4.59 1.84
C ASP A 212 5.24 4.40 1.20
N VAL A 213 6.17 5.30 1.45
CA VAL A 213 7.49 5.19 0.86
C VAL A 213 8.16 3.88 1.28
N SER A 214 8.00 3.51 2.55
CA SER A 214 8.61 2.26 3.04
C SER A 214 7.97 1.03 2.41
N ALA A 215 6.64 1.05 2.35
CA ALA A 215 5.89 -0.08 1.81
C ALA A 215 6.00 -0.22 0.30
N LYS A 216 6.39 0.86 -0.37
CA LYS A 216 6.53 0.83 -1.82
C LYS A 216 7.98 0.83 -2.30
N VAL A 217 8.70 1.90 -1.98
CA VAL A 217 10.09 2.02 -2.38
C VAL A 217 10.99 1.10 -1.56
N GLY A 218 10.80 1.10 -0.24
CA GLY A 218 11.60 0.24 0.62
C GLY A 218 11.37 -1.22 0.25
N PHE A 219 10.10 -1.59 0.14
CA PHE A 219 9.70 -2.94 -0.22
C PHE A 219 10.32 -3.32 -1.57
N GLY A 220 10.22 -2.41 -2.53
CA GLY A 220 10.77 -2.68 -3.85
C GLY A 220 12.27 -2.87 -3.86
N LEU A 221 12.99 -2.05 -3.10
CA LEU A 221 14.44 -2.14 -3.03
C LEU A 221 14.89 -3.53 -2.56
N ILE A 222 14.20 -4.04 -1.54
CA ILE A 222 14.51 -5.35 -0.99
C ILE A 222 14.26 -6.45 -2.03
N LEU A 223 13.10 -6.37 -2.69
CA LEU A 223 12.72 -7.35 -3.69
C LEU A 223 13.61 -7.36 -4.93
N LEU A 224 13.79 -6.19 -5.54
CA LEU A 224 14.59 -6.08 -6.75
C LEU A 224 16.09 -6.26 -6.58
N ARG A 225 16.57 -6.29 -5.34
CA ARG A 225 17.99 -6.49 -5.07
C ARG A 225 18.24 -7.96 -4.74
N SER A 226 17.15 -8.72 -4.67
CA SER A 226 17.21 -10.14 -4.36
C SER A 226 17.40 -11.03 -5.58
N ARG A 227 18.04 -12.18 -5.37
CA ARG A 227 18.27 -13.13 -6.44
C ARG A 227 17.03 -14.00 -6.58
N ALA A 228 16.10 -13.84 -5.65
CA ALA A 228 14.86 -14.62 -5.67
C ALA A 228 14.00 -14.34 -6.89
N ILE A 229 14.17 -13.17 -7.50
CA ILE A 229 13.36 -12.82 -8.66
C ILE A 229 13.79 -13.52 -9.95
N PHE A 230 14.93 -14.22 -9.91
CA PHE A 230 15.43 -14.95 -11.06
C PHE A 230 15.23 -16.45 -10.84
N GLY A 231 15.02 -17.19 -11.92
CA GLY A 231 14.83 -18.63 -11.81
C GLY A 231 16.11 -19.44 -11.76
N GLU A 232 17.25 -18.78 -11.91
CA GLU A 232 18.55 -19.46 -11.88
C GLU A 232 18.64 -20.48 -13.02
#